data_6UN1
#
_entry.id   6UN1
#
_cell.length_a   67.126
_cell.length_b   81.712
_cell.length_c   88.082
_cell.angle_alpha   90.000
_cell.angle_beta   90.000
_cell.angle_gamma   90.000
#
_symmetry.space_group_name_H-M   'P 21 21 21'
#
loop_
_entity.id
_entity.type
_entity.pdbx_description
1 polymer 'Peptidoglycan D,D-transpeptidase FtsI'
2 non-polymer '(2R,4S)-2-[(1S)-1-{[(2R)-2-carboxy-2-(thiophen-3-yl)acetyl]amino}-1-methoxy-2-oxoethyl]-5,5-dimethyl-1,3-thiazolidine-4 -carboxylic acid'
3 water water
#
_entity_poly.entity_id   1
_entity_poly.type   'polypeptide(L)'
_entity_poly.pdbx_seq_one_letter_code
;GHMARSVRHIAIPAHRGLITDRNGEPLAVSTPVTTLWANPKELMTAKERWPQLAAALGQDTKLFADRIEQNAEREFIYLV
RGLTPEQGEGVIALKVPGVYSIEEFRRFYPAGEVVAHAVGFTDVDDRGREGIELAFDEWLAGVPGKRQVLKDRRGRVIKD
VQVTKNAKPGKTLALSIDLRLQYLAHRELRNALLENGAKAGSLVIMDVKTGEILAMTNQPTYNPNNRRNLQPAAMRNRAM
IDVFEPGSTVKPFSMSAALASGRWKPSDIVDVYPGTLQIGRYTIRDVSRNSRQLDLTGILIKSSNVGISKIAFDIGAESI
YSVMQQVGLGQDTGLGFPGERVGNLPNHRKWPKAETATLAYGYGLSVTAIQLAHAYAALANDGKSVPLSMTRVDRVPDGV
QVISPEVASTVQGMLQQVVEAQGGVFRAQVPGYHAAGKSGTARKVSVGTKGYRENAYRSLFAGFAPATDPRIAMVVVIDE
PSKAGYFGGLVSAPVFSKVMAGALRLMNVPPDNLPTATEQQQVNAAPAKGGRG
;
_entity_poly.pdbx_strand_id   A
#
# COMPACT_ATOMS: atom_id res chain seq x y z
N ALA A 4 43.32 -7.40 32.32
CA ALA A 4 44.67 -7.31 31.64
C ALA A 4 44.53 -7.66 30.16
N ARG A 5 43.99 -8.85 29.90
CA ARG A 5 43.69 -9.39 28.55
C ARG A 5 42.33 -10.06 28.69
N SER A 6 41.31 -9.63 27.94
CA SER A 6 39.95 -10.19 28.01
C SER A 6 39.42 -10.49 26.59
N VAL A 7 38.67 -11.60 26.48
CA VAL A 7 37.99 -12.06 25.24
C VAL A 7 36.62 -11.40 25.20
N ARG A 8 36.26 -10.82 24.05
CA ARG A 8 34.93 -10.21 23.83
C ARG A 8 34.51 -10.50 22.40
N HIS A 9 33.20 -10.41 22.14
CA HIS A 9 32.58 -10.80 20.87
C HIS A 9 31.94 -9.57 20.19
N ILE A 10 32.29 -9.38 18.92
CA ILE A 10 31.84 -8.24 18.07
C ILE A 10 30.91 -8.83 16.99
N ALA A 11 29.71 -8.25 16.84
CA ALA A 11 28.68 -8.66 15.85
C ALA A 11 29.17 -8.38 14.43
N ILE A 12 29.06 -9.35 13.53
CA ILE A 12 29.40 -9.21 12.08
C ILE A 12 28.11 -8.89 11.34
N PRO A 13 27.88 -7.63 10.90
CA PRO A 13 26.65 -7.29 10.21
C PRO A 13 26.54 -8.09 8.90
N ALA A 14 25.30 -8.52 8.60
CA ALA A 14 24.94 -9.32 7.42
C ALA A 14 24.26 -8.40 6.39
N HIS A 15 24.53 -8.72 5.14
CA HIS A 15 23.98 -8.10 3.91
C HIS A 15 22.50 -8.46 3.83
N ARG A 16 21.63 -7.44 3.81
CA ARG A 16 20.15 -7.53 3.68
C ARG A 16 19.77 -8.03 2.28
N GLY A 17 18.79 -8.92 2.19
CA GLY A 17 18.37 -9.55 0.92
C GLY A 17 17.88 -8.53 -0.08
N LEU A 18 18.21 -8.72 -1.35
CA LEU A 18 17.78 -7.88 -2.51
C LEU A 18 16.25 -7.96 -2.62
N ILE A 19 15.54 -6.83 -2.71
CA ILE A 19 14.11 -6.81 -3.12
C ILE A 19 14.05 -6.41 -4.60
N THR A 20 13.37 -7.21 -5.44
CA THR A 20 13.07 -6.90 -6.86
C THR A 20 11.56 -6.75 -7.06
N ASP A 21 11.17 -6.23 -8.21
CA ASP A 21 9.78 -6.31 -8.69
C ASP A 21 9.61 -7.72 -9.28
N ARG A 22 8.42 -8.03 -9.76
CA ARG A 22 8.08 -9.38 -10.29
C ARG A 22 8.98 -9.72 -11.48
N ASN A 23 9.54 -8.72 -12.18
CA ASN A 23 10.41 -8.88 -13.39
C ASN A 23 11.91 -8.78 -13.04
N GLY A 24 12.28 -8.70 -11.76
CA GLY A 24 13.69 -8.76 -11.33
C GLY A 24 14.39 -7.41 -11.34
N GLU A 25 13.66 -6.30 -11.52
CA GLU A 25 14.21 -4.93 -11.37
C GLU A 25 14.48 -4.68 -9.88
N PRO A 26 15.67 -4.14 -9.50
CA PRO A 26 15.98 -3.89 -8.09
C PRO A 26 15.17 -2.72 -7.49
N LEU A 27 14.59 -2.95 -6.30
CA LEU A 27 13.74 -1.98 -5.55
C LEU A 27 14.41 -1.57 -4.23
N ALA A 28 15.17 -2.49 -3.61
CA ALA A 28 15.99 -2.24 -2.41
C ALA A 28 17.32 -3.01 -2.50
N VAL A 29 18.43 -2.27 -2.41
CA VAL A 29 19.80 -2.86 -2.45
C VAL A 29 20.59 -2.46 -1.22
N SER A 30 21.29 -3.44 -0.64
CA SER A 30 22.28 -3.24 0.45
C SER A 30 23.57 -2.71 -0.16
N THR A 31 23.94 -1.47 0.20
CA THR A 31 25.18 -0.74 -0.18
C THR A 31 26.18 -0.90 0.98
N PRO A 32 27.46 -1.26 0.72
CA PRO A 32 28.46 -1.29 1.79
C PRO A 32 28.72 0.15 2.30
N VAL A 33 28.57 0.36 3.60
CA VAL A 33 28.96 1.61 4.31
C VAL A 33 30.05 1.24 5.35
N THR A 34 30.76 2.26 5.82
CA THR A 34 31.76 2.16 6.91
C THR A 34 31.26 2.95 8.12
N THR A 35 31.12 2.28 9.25
CA THR A 35 30.83 2.91 10.56
C THR A 35 32.15 3.00 11.32
N LEU A 36 32.36 4.13 11.99
CA LEU A 36 33.57 4.46 12.76
C LEU A 36 33.17 4.55 14.22
N TRP A 37 33.81 3.75 15.06
CA TRP A 37 33.67 3.86 16.52
C TRP A 37 35.05 4.15 17.08
N ALA A 38 35.12 4.48 18.37
CA ALA A 38 36.36 4.90 19.03
C ALA A 38 36.36 4.41 20.48
N ASN A 39 37.55 4.04 20.96
CA ASN A 39 37.85 3.89 22.40
C ASN A 39 38.31 5.24 22.93
N PRO A 40 37.48 5.98 23.70
CA PRO A 40 37.91 7.20 24.37
C PRO A 40 39.25 7.04 25.14
N LYS A 41 39.40 5.94 25.87
CA LYS A 41 40.57 5.69 26.76
C LYS A 41 41.85 5.70 25.92
N GLU A 42 41.78 5.26 24.66
CA GLU A 42 42.90 5.33 23.68
C GLU A 42 43.00 6.74 23.09
N LEU A 43 41.88 7.36 22.73
CA LEU A 43 41.82 8.71 22.12
C LEU A 43 42.50 9.73 23.06
N MET A 44 42.22 9.61 24.36
CA MET A 44 42.80 10.43 25.46
C MET A 44 44.34 10.39 25.46
N THR A 45 45.00 9.43 24.82
CA THR A 45 46.48 9.35 24.71
C THR A 45 46.98 10.01 23.41
N ALA A 46 46.09 10.56 22.57
CA ALA A 46 46.47 11.11 21.25
C ALA A 46 45.66 12.37 20.90
N LYS A 47 45.48 13.28 21.87
CA LYS A 47 44.58 14.45 21.74
C LYS A 47 45.03 15.37 20.59
N GLU A 48 46.30 15.39 20.19
CA GLU A 48 46.79 16.28 19.10
C GLU A 48 46.24 15.87 17.73
N ARG A 49 45.64 14.69 17.60
CA ARG A 49 45.02 14.18 16.35
C ARG A 49 43.54 14.56 16.26
N TRP A 50 42.85 14.70 17.41
CA TRP A 50 41.40 15.03 17.55
C TRP A 50 40.94 16.10 16.55
N PRO A 51 41.54 17.30 16.50
CA PRO A 51 41.00 18.36 15.65
C PRO A 51 40.82 17.92 14.19
N GLN A 52 41.83 17.26 13.59
CA GLN A 52 41.75 16.79 12.17
C GLN A 52 40.58 15.80 12.01
N LEU A 53 40.39 14.90 12.99
CA LEU A 53 39.26 13.93 13.05
C LEU A 53 37.93 14.68 13.16
N ALA A 54 37.75 15.60 14.11
CA ALA A 54 36.53 16.43 14.24
C ALA A 54 36.15 17.00 12.86
N ALA A 55 37.10 17.65 12.19
CA ALA A 55 36.92 18.29 10.86
C ALA A 55 36.50 17.23 9.82
N ALA A 56 37.18 16.08 9.79
CA ALA A 56 36.83 14.94 8.91
C ALA A 56 35.37 14.52 9.15
N LEU A 57 34.85 14.65 10.38
CA LEU A 57 33.46 14.29 10.73
C LEU A 57 32.58 15.55 10.72
N GLY A 58 33.10 16.65 10.18
CA GLY A 58 32.36 17.92 10.16
C GLY A 58 31.85 18.29 11.53
N GLN A 59 32.66 18.12 12.56
CA GLN A 59 32.16 18.50 13.91
C GLN A 59 32.98 19.68 14.44
N ASP A 60 32.41 20.44 15.37
CA ASP A 60 33.19 21.53 16.02
C ASP A 60 34.26 20.83 16.85
N THR A 61 35.46 21.40 16.85
N THR A 61 35.48 21.38 16.86
CA THR A 61 36.64 20.87 17.57
CA THR A 61 36.63 20.82 17.59
C THR A 61 36.39 20.87 19.08
C THR A 61 36.40 20.86 19.11
N LYS A 62 35.67 21.87 19.58
CA LYS A 62 35.36 21.98 21.04
C LYS A 62 34.25 21.00 21.43
N LEU A 63 33.21 20.89 20.61
CA LEU A 63 32.08 19.94 20.84
C LEU A 63 32.62 18.51 20.77
N PHE A 64 33.41 18.17 19.75
CA PHE A 64 34.06 16.83 19.62
C PHE A 64 34.91 16.51 20.84
N ALA A 65 35.83 17.40 21.19
CA ALA A 65 36.72 17.28 22.37
C ALA A 65 35.88 17.11 23.64
N ASP A 66 34.89 17.99 23.88
CA ASP A 66 33.97 17.92 25.05
C ASP A 66 33.35 16.53 25.15
N ARG A 67 32.91 15.95 24.02
CA ARG A 67 32.21 14.65 23.97
C ARG A 67 33.19 13.53 24.38
N ILE A 68 34.40 13.49 23.81
CA ILE A 68 35.46 12.49 24.17
C ILE A 68 35.75 12.58 25.68
N GLU A 69 36.02 13.78 26.20
CA GLU A 69 36.37 14.02 27.63
C GLU A 69 35.24 13.49 28.50
N GLN A 70 33.99 13.84 28.16
CA GLN A 70 32.75 13.45 28.88
C GLN A 70 32.58 11.92 28.91
N ASN A 71 33.15 11.20 27.93
CA ASN A 71 33.03 9.73 27.78
C ASN A 71 34.41 9.09 27.92
N ALA A 72 35.34 9.74 28.63
CA ALA A 72 36.72 9.22 28.82
C ALA A 72 36.70 7.97 29.73
N GLU A 73 35.60 7.71 30.45
CA GLU A 73 35.37 6.50 31.30
C GLU A 73 34.98 5.29 30.43
N ARG A 74 34.20 5.50 29.36
CA ARG A 74 33.67 4.42 28.48
C ARG A 74 34.79 3.89 27.56
N GLU A 75 34.61 2.69 27.00
CA GLU A 75 35.58 2.01 26.09
C GLU A 75 35.02 1.92 24.66
N PHE A 76 33.80 2.42 24.43
CA PHE A 76 33.09 2.40 23.13
C PHE A 76 32.21 3.64 23.00
N ILE A 77 32.29 4.30 21.83
CA ILE A 77 31.26 5.25 21.34
C ILE A 77 31.27 5.16 19.82
N TYR A 78 30.10 5.34 19.19
CA TYR A 78 29.99 5.63 17.73
C TYR A 78 30.55 7.03 17.49
N LEU A 79 31.37 7.19 16.45
CA LEU A 79 31.85 8.52 15.96
C LEU A 79 30.87 9.01 14.90
N VAL A 80 30.50 8.11 13.99
CA VAL A 80 29.53 8.33 12.90
C VAL A 80 29.13 6.95 12.38
N ARG A 81 27.89 6.79 11.92
CA ARG A 81 27.43 5.55 11.26
C ARG A 81 27.17 5.87 9.79
N GLY A 82 27.67 5.04 8.89
CA GLY A 82 27.12 4.93 7.53
C GLY A 82 27.77 5.88 6.54
N LEU A 83 29.08 6.08 6.64
CA LEU A 83 29.93 6.80 5.66
C LEU A 83 29.99 5.95 4.38
N THR A 84 30.23 6.58 3.23
CA THR A 84 30.73 5.88 2.02
C THR A 84 32.08 5.31 2.42
N PRO A 85 32.54 4.20 1.81
CA PRO A 85 33.89 3.71 2.09
C PRO A 85 34.99 4.68 1.62
N GLU A 86 34.70 5.56 0.66
CA GLU A 86 35.65 6.58 0.16
C GLU A 86 35.89 7.62 1.27
N GLN A 87 34.82 8.14 1.88
CA GLN A 87 34.92 9.09 3.02
C GLN A 87 35.32 8.30 4.27
N GLY A 88 34.96 7.01 4.33
CA GLY A 88 35.45 6.05 5.35
C GLY A 88 36.97 6.02 5.42
N GLU A 89 37.65 5.91 4.28
CA GLU A 89 39.12 5.80 4.13
C GLU A 89 39.80 7.11 4.53
N GLY A 90 39.24 8.24 4.10
CA GLY A 90 39.66 9.58 4.53
C GLY A 90 39.99 9.61 6.00
N VAL A 91 39.03 9.21 6.85
CA VAL A 91 39.15 9.25 8.34
C VAL A 91 40.18 8.21 8.80
N ILE A 92 40.24 7.05 8.13
CA ILE A 92 41.16 5.93 8.52
C ILE A 92 42.60 6.42 8.31
N ALA A 93 42.82 7.13 7.19
CA ALA A 93 44.11 7.71 6.76
C ALA A 93 44.69 8.57 7.89
N LEU A 94 43.83 9.25 8.66
CA LEU A 94 44.23 10.19 9.75
C LEU A 94 44.99 9.43 10.85
N LYS A 95 44.84 8.10 10.93
CA LYS A 95 45.74 7.21 11.69
C LYS A 95 45.69 7.57 13.18
N VAL A 96 44.49 7.84 13.69
CA VAL A 96 44.27 8.26 15.10
C VAL A 96 44.21 7.01 15.98
N PRO A 97 45.09 6.89 17.01
CA PRO A 97 44.92 5.83 18.00
C PRO A 97 43.51 5.81 18.57
N GLY A 98 42.85 4.64 18.57
CA GLY A 98 41.56 4.42 19.25
C GLY A 98 40.37 4.65 18.35
N VAL A 99 40.61 4.91 17.06
CA VAL A 99 39.55 4.95 16.01
C VAL A 99 39.53 3.59 15.34
N TYR A 100 38.34 3.01 15.23
CA TYR A 100 38.12 1.70 14.57
C TYR A 100 37.00 1.83 13.55
N SER A 101 36.90 0.83 12.68
CA SER A 101 35.94 0.76 11.56
C SER A 101 35.18 -0.58 11.63
N ILE A 102 33.88 -0.49 11.40
CA ILE A 102 32.95 -1.64 11.17
C ILE A 102 32.44 -1.50 9.74
N GLU A 103 32.47 -2.57 8.95
CA GLU A 103 31.86 -2.59 7.59
C GLU A 103 30.38 -2.97 7.75
N GLU A 104 29.48 -2.04 7.40
CA GLU A 104 28.01 -2.12 7.60
C GLU A 104 27.31 -1.97 6.24
N PHE A 105 25.98 -1.90 6.23
CA PHE A 105 25.16 -1.89 4.99
C PHE A 105 24.09 -0.81 5.11
N ARG A 106 23.83 -0.14 3.99
CA ARG A 106 22.81 0.94 3.89
C ARG A 106 21.92 0.59 2.69
N ARG A 107 20.61 0.62 2.88
CA ARG A 107 19.65 0.39 1.77
C ARG A 107 19.71 1.60 0.82
N PHE A 108 19.76 1.34 -0.49
CA PHE A 108 19.34 2.32 -1.52
C PHE A 108 18.10 1.76 -2.25
N TYR A 109 17.18 2.67 -2.57
CA TYR A 109 15.90 2.39 -3.25
C TYR A 109 15.96 2.97 -4.66
N PRO A 110 16.37 2.16 -5.66
CA PRO A 110 16.52 2.64 -7.03
C PRO A 110 15.32 3.40 -7.57
N ALA A 111 14.10 2.94 -7.29
CA ALA A 111 12.86 3.54 -7.84
C ALA A 111 12.41 4.72 -6.98
N GLY A 112 13.02 4.89 -5.80
CA GLY A 112 12.72 6.00 -4.88
C GLY A 112 11.23 6.11 -4.57
N GLU A 113 10.66 7.30 -4.74
CA GLU A 113 9.29 7.66 -4.30
C GLU A 113 8.21 6.89 -5.07
N VAL A 114 8.55 6.38 -6.26
CA VAL A 114 7.60 5.68 -7.16
C VAL A 114 7.00 4.45 -6.46
N VAL A 115 7.72 3.82 -5.53
CA VAL A 115 7.23 2.62 -4.80
C VAL A 115 7.67 2.70 -3.32
N ALA A 116 7.66 3.89 -2.73
CA ALA A 116 8.20 4.13 -1.37
C ALA A 116 7.36 3.39 -0.33
N HIS A 117 6.04 3.52 -0.39
CA HIS A 117 5.10 2.93 0.59
C HIS A 117 5.16 1.40 0.52
N ALA A 118 5.20 0.85 -0.68
CA ALA A 118 5.08 -0.61 -0.88
C ALA A 118 6.37 -1.27 -0.38
N VAL A 119 7.49 -0.76 -0.84
CA VAL A 119 8.82 -1.38 -0.54
C VAL A 119 9.17 -1.08 0.91
N GLY A 120 8.97 0.15 1.35
CA GLY A 120 9.15 0.59 2.75
C GLY A 120 10.54 1.15 2.98
N PHE A 121 11.02 1.02 4.22
N PHE A 121 11.02 1.15 4.22
CA PHE A 121 12.15 1.77 4.82
CA PHE A 121 12.45 1.44 4.48
C PHE A 121 12.81 0.91 5.92
C PHE A 121 12.85 0.87 5.85
N THR A 122 14.13 1.01 6.12
CA THR A 122 14.86 0.46 7.28
C THR A 122 15.20 1.57 8.28
N ASP A 123 15.33 1.20 9.55
CA ASP A 123 15.79 2.09 10.66
C ASP A 123 17.33 2.18 10.60
N VAL A 124 17.94 2.84 11.59
CA VAL A 124 19.41 3.06 11.68
C VAL A 124 20.17 1.73 11.86
N ASP A 125 19.52 0.68 12.35
CA ASP A 125 20.14 -0.66 12.57
C ASP A 125 19.90 -1.60 11.38
N ASP A 126 19.46 -1.05 10.23
CA ASP A 126 19.16 -1.81 8.99
C ASP A 126 17.98 -2.78 9.20
N ARG A 127 17.09 -2.52 10.15
CA ARG A 127 15.85 -3.34 10.30
C ARG A 127 14.70 -2.65 9.56
N GLY A 128 13.77 -3.43 9.05
CA GLY A 128 12.55 -2.97 8.38
C GLY A 128 11.58 -2.27 9.32
N ARG A 129 10.93 -1.23 8.80
CA ARG A 129 10.29 -0.16 9.58
C ARG A 129 8.93 0.25 8.99
N GLU A 130 8.82 0.24 7.66
CA GLU A 130 7.56 0.40 6.88
C GLU A 130 7.56 -0.64 5.76
N GLY A 131 6.37 -0.95 5.23
CA GLY A 131 6.14 -1.75 4.00
C GLY A 131 6.75 -3.14 4.04
N ILE A 132 7.18 -3.63 2.89
CA ILE A 132 7.78 -4.97 2.69
C ILE A 132 8.99 -5.15 3.60
N GLU A 133 9.84 -4.12 3.76
CA GLU A 133 11.07 -4.18 4.60
C GLU A 133 10.68 -4.65 6.00
N LEU A 134 9.56 -4.15 6.52
CA LEU A 134 9.00 -4.46 7.87
C LEU A 134 8.35 -5.85 7.81
N ALA A 135 7.38 -6.05 6.88
CA ALA A 135 6.54 -7.26 6.74
C ALA A 135 7.39 -8.52 6.56
N PHE A 136 8.48 -8.45 5.78
CA PHE A 136 9.39 -9.61 5.51
C PHE A 136 10.76 -9.39 6.15
N ASP A 137 10.83 -8.67 7.28
CA ASP A 137 12.12 -8.33 7.93
C ASP A 137 12.89 -9.62 8.26
N GLU A 138 12.19 -10.68 8.63
CA GLU A 138 12.80 -11.96 9.08
C GLU A 138 13.41 -12.62 7.85
N TRP A 139 12.67 -12.69 6.75
CA TRP A 139 13.23 -13.14 5.45
C TRP A 139 14.44 -12.29 5.02
N LEU A 140 14.33 -10.97 5.10
CA LEU A 140 15.29 -10.04 4.45
C LEU A 140 16.54 -9.84 5.32
N ALA A 141 16.33 -9.76 6.63
CA ALA A 141 17.38 -9.40 7.61
C ALA A 141 18.62 -10.29 7.51
N GLY A 142 18.51 -11.58 7.74
CA GLY A 142 19.73 -12.41 7.78
C GLY A 142 20.42 -12.33 9.15
N VAL A 143 20.51 -13.48 9.83
CA VAL A 143 21.15 -13.55 11.17
C VAL A 143 22.59 -13.02 11.05
N PRO A 144 23.05 -12.14 11.97
CA PRO A 144 24.42 -11.58 11.92
C PRO A 144 25.50 -12.56 12.40
N GLY A 145 26.77 -12.17 12.27
CA GLY A 145 27.91 -13.00 12.68
C GLY A 145 28.44 -12.65 14.07
N LYS A 146 29.47 -13.38 14.51
CA LYS A 146 30.20 -13.17 15.79
C LYS A 146 31.69 -13.41 15.53
N ARG A 147 32.55 -12.45 15.87
CA ARG A 147 34.02 -12.67 15.90
C ARG A 147 34.52 -12.42 17.33
N GLN A 148 35.48 -13.25 17.75
CA GLN A 148 36.25 -13.14 19.01
C GLN A 148 37.42 -12.17 18.78
N VAL A 149 37.54 -11.18 19.65
CA VAL A 149 38.72 -10.26 19.74
C VAL A 149 39.28 -10.33 21.17
N LEU A 150 40.57 -10.11 21.31
CA LEU A 150 41.20 -9.85 22.63
C LEU A 150 41.27 -8.33 22.83
N LYS A 151 41.01 -7.87 24.05
CA LYS A 151 41.15 -6.47 24.48
C LYS A 151 42.05 -6.40 25.72
N ASP A 152 42.82 -5.31 25.87
CA ASP A 152 43.58 -5.01 27.11
C ASP A 152 42.61 -4.33 28.10
N ARG A 153 43.08 -3.93 29.28
CA ARG A 153 42.23 -3.38 30.38
C ARG A 153 41.75 -1.95 30.06
N ARG A 154 42.39 -1.26 29.11
CA ARG A 154 41.98 0.08 28.59
C ARG A 154 40.97 -0.11 27.45
N GLY A 155 40.70 -1.36 27.05
CA GLY A 155 39.71 -1.68 26.00
C GLY A 155 40.27 -1.54 24.59
N ARG A 156 41.59 -1.36 24.44
CA ARG A 156 42.28 -1.42 23.13
C ARG A 156 42.11 -2.82 22.53
N VAL A 157 41.66 -2.89 21.28
CA VAL A 157 41.57 -4.14 20.48
C VAL A 157 42.99 -4.53 20.08
N ILE A 158 43.56 -5.56 20.69
CA ILE A 158 44.91 -6.08 20.36
C ILE A 158 44.82 -6.91 19.07
N LYS A 159 43.91 -7.89 19.05
CA LYS A 159 43.99 -9.09 18.16
C LYS A 159 42.59 -9.51 17.73
N ASP A 160 42.41 -9.75 16.42
CA ASP A 160 41.28 -10.56 15.88
C ASP A 160 41.65 -12.04 16.11
N VAL A 161 40.85 -12.78 16.88
CA VAL A 161 41.11 -14.21 17.23
C VAL A 161 40.48 -15.12 16.16
N GLN A 162 39.17 -15.03 15.96
CA GLN A 162 38.43 -15.92 15.01
C GLN A 162 36.97 -15.48 14.87
N VAL A 163 36.29 -16.00 13.84
CA VAL A 163 34.80 -15.95 13.66
C VAL A 163 34.22 -17.14 14.42
N THR A 164 33.38 -16.92 15.43
CA THR A 164 32.69 -18.01 16.15
C THR A 164 31.31 -18.29 15.50
N LYS A 165 30.71 -17.33 14.78
CA LYS A 165 29.46 -17.53 13.99
C LYS A 165 29.54 -16.72 12.69
N ASN A 166 29.46 -17.38 11.54
CA ASN A 166 29.41 -16.74 10.20
C ASN A 166 28.15 -15.89 10.09
N ALA A 167 28.28 -14.68 9.53
CA ALA A 167 27.14 -13.85 9.10
C ALA A 167 26.42 -14.58 7.97
N LYS A 168 25.10 -14.75 8.09
CA LYS A 168 24.23 -15.27 7.01
C LYS A 168 23.50 -14.09 6.36
N PRO A 169 23.71 -13.85 5.04
CA PRO A 169 23.00 -12.79 4.33
C PRO A 169 21.50 -13.10 4.26
N GLY A 170 20.66 -12.07 4.35
CA GLY A 170 19.20 -12.14 4.10
C GLY A 170 18.90 -12.64 2.70
N LYS A 171 17.66 -13.04 2.47
CA LYS A 171 17.27 -13.80 1.25
C LYS A 171 16.61 -12.84 0.25
N THR A 172 16.80 -13.12 -1.04
CA THR A 172 16.23 -12.34 -2.16
C THR A 172 14.70 -12.46 -2.10
N LEU A 173 14.00 -11.36 -2.37
CA LEU A 173 12.51 -11.37 -2.34
C LEU A 173 11.99 -10.64 -3.56
N ALA A 174 11.21 -11.32 -4.41
CA ALA A 174 10.54 -10.76 -5.60
C ALA A 174 9.13 -10.33 -5.24
N LEU A 175 8.82 -9.06 -5.42
CA LEU A 175 7.48 -8.54 -5.10
C LEU A 175 6.51 -8.97 -6.19
N SER A 176 5.22 -8.97 -5.88
CA SER A 176 4.13 -9.07 -6.88
C SER A 176 4.08 -7.77 -7.72
N ILE A 177 4.59 -6.64 -7.19
CA ILE A 177 4.58 -5.33 -7.90
C ILE A 177 5.31 -5.46 -9.24
N ASP A 178 4.69 -4.95 -10.30
CA ASP A 178 5.27 -4.74 -11.64
C ASP A 178 5.63 -3.26 -11.76
N LEU A 179 6.93 -2.94 -11.79
CA LEU A 179 7.43 -1.54 -11.74
C LEU A 179 6.83 -0.71 -12.88
N ARG A 180 6.59 -1.31 -14.05
CA ARG A 180 6.03 -0.60 -15.23
C ARG A 180 4.62 -0.10 -14.91
N LEU A 181 3.79 -0.95 -14.31
CA LEU A 181 2.43 -0.58 -13.88
C LEU A 181 2.52 0.38 -12.69
N GLN A 182 3.44 0.11 -11.76
CA GLN A 182 3.66 0.96 -10.55
C GLN A 182 3.99 2.39 -11.00
N TYR A 183 4.77 2.56 -12.05
CA TYR A 183 5.19 3.90 -12.56
C TYR A 183 3.99 4.60 -13.24
N LEU A 184 3.28 3.87 -14.09
CA LEU A 184 2.02 4.37 -14.71
C LEU A 184 1.04 4.81 -13.61
N ALA A 185 0.74 3.96 -12.63
CA ALA A 185 -0.20 4.33 -11.55
C ALA A 185 0.30 5.58 -10.84
N HIS A 186 1.58 5.59 -10.46
CA HIS A 186 2.19 6.71 -9.72
C HIS A 186 2.00 8.02 -10.49
N ARG A 187 2.34 8.01 -11.78
CA ARG A 187 2.30 9.23 -12.63
C ARG A 187 0.85 9.71 -12.70
N GLU A 188 -0.08 8.81 -13.00
CA GLU A 188 -1.49 9.20 -13.24
C GLU A 188 -2.13 9.65 -11.91
N LEU A 189 -1.80 9.05 -10.77
CA LEU A 189 -2.40 9.48 -9.49
C LEU A 189 -1.87 10.87 -9.09
N ARG A 190 -0.56 11.08 -9.18
N ARG A 190 -0.57 11.08 -9.20
CA ARG A 190 0.07 12.41 -8.92
CA ARG A 190 0.09 12.38 -8.91
C ARG A 190 -0.66 13.47 -9.76
C ARG A 190 -0.60 13.48 -9.78
N ASN A 191 -0.82 13.23 -11.07
CA ASN A 191 -1.40 14.22 -12.01
C ASN A 191 -2.87 14.49 -11.67
N ALA A 192 -3.62 13.48 -11.20
CA ALA A 192 -5.04 13.65 -10.79
C ALA A 192 -5.10 14.52 -9.52
N LEU A 193 -4.18 14.26 -8.59
CA LEU A 193 -4.02 14.99 -7.30
C LEU A 193 -3.83 16.49 -7.65
N LEU A 194 -2.87 16.80 -8.54
CA LEU A 194 -2.51 18.20 -8.93
C LEU A 194 -3.63 18.84 -9.76
N GLU A 195 -4.23 18.10 -10.70
CA GLU A 195 -5.36 18.58 -11.54
C GLU A 195 -6.58 18.94 -10.66
N ASN A 196 -6.80 18.24 -9.55
CA ASN A 196 -8.04 18.36 -8.75
C ASN A 196 -7.77 19.07 -7.41
N GLY A 197 -6.58 19.62 -7.20
CA GLY A 197 -6.13 20.19 -5.92
C GLY A 197 -6.57 19.37 -4.72
N ALA A 198 -6.33 18.05 -4.77
CA ALA A 198 -6.76 17.08 -3.73
C ALA A 198 -5.66 16.93 -2.66
N LYS A 199 -6.07 16.57 -1.44
N LYS A 199 -6.05 16.58 -1.43
CA LYS A 199 -5.16 16.44 -0.27
CA LYS A 199 -5.12 16.45 -0.28
C LYS A 199 -4.33 15.14 -0.38
C LYS A 199 -4.31 15.14 -0.40
N ALA A 200 -4.93 14.04 -0.84
CA ALA A 200 -4.33 12.69 -0.83
C ALA A 200 -5.01 11.78 -1.86
N GLY A 201 -4.42 10.61 -2.12
CA GLY A 201 -5.10 9.53 -2.84
C GLY A 201 -4.35 8.20 -2.78
N SER A 202 -5.00 7.16 -3.27
CA SER A 202 -4.46 5.80 -3.40
C SER A 202 -4.89 5.23 -4.74
N LEU A 203 -4.12 4.30 -5.27
CA LEU A 203 -4.56 3.52 -6.45
C LEU A 203 -3.98 2.12 -6.27
N VAL A 204 -4.83 1.12 -6.35
CA VAL A 204 -4.37 -0.28 -6.21
C VAL A 204 -4.71 -0.99 -7.51
N ILE A 205 -3.79 -1.82 -8.01
CA ILE A 205 -4.02 -2.71 -9.17
C ILE A 205 -3.77 -4.13 -8.72
N MET A 206 -4.74 -5.02 -8.97
CA MET A 206 -4.66 -6.44 -8.55
C MET A 206 -4.88 -7.33 -9.77
N ASP A 207 -4.18 -8.46 -9.78
CA ASP A 207 -4.39 -9.59 -10.72
C ASP A 207 -5.55 -10.41 -10.18
N VAL A 208 -6.69 -10.41 -10.88
CA VAL A 208 -7.93 -11.09 -10.39
C VAL A 208 -7.70 -12.61 -10.34
N LYS A 209 -6.80 -13.15 -11.15
CA LYS A 209 -6.58 -14.62 -11.29
C LYS A 209 -5.60 -15.12 -10.21
N THR A 210 -4.59 -14.33 -9.83
CA THR A 210 -3.49 -14.78 -8.94
C THR A 210 -3.53 -14.12 -7.57
N GLY A 211 -4.42 -13.15 -7.32
CA GLY A 211 -4.49 -12.36 -6.06
C GLY A 211 -3.32 -11.40 -5.86
N GLU A 212 -2.44 -11.26 -6.86
CA GLU A 212 -1.21 -10.43 -6.76
C GLU A 212 -1.58 -8.96 -6.87
N ILE A 213 -0.90 -8.14 -6.09
CA ILE A 213 -0.97 -6.66 -6.17
C ILE A 213 0.10 -6.23 -7.18
N LEU A 214 -0.34 -5.70 -8.32
CA LEU A 214 0.59 -5.36 -9.43
C LEU A 214 1.08 -3.92 -9.20
N ALA A 215 0.30 -3.11 -8.52
CA ALA A 215 0.67 -1.71 -8.22
C ALA A 215 -0.06 -1.26 -6.95
N MET A 216 0.65 -0.53 -6.11
CA MET A 216 0.07 0.14 -4.92
C MET A 216 0.79 1.46 -4.78
N THR A 217 0.08 2.55 -4.98
CA THR A 217 0.65 3.92 -4.95
C THR A 217 -0.24 4.85 -4.13
N ASN A 218 0.36 5.86 -3.52
CA ASN A 218 -0.31 6.88 -2.68
C ASN A 218 0.30 8.24 -2.95
N GLN A 219 -0.51 9.29 -2.85
CA GLN A 219 -0.03 10.69 -2.71
C GLN A 219 -0.54 11.17 -1.36
N PRO A 220 0.24 11.99 -0.60
CA PRO A 220 1.60 12.33 -0.98
C PRO A 220 2.55 11.15 -0.79
N THR A 221 3.67 11.18 -1.49
CA THR A 221 4.78 10.21 -1.31
C THR A 221 6.05 10.95 -0.87
N TYR A 222 7.17 10.24 -0.80
CA TYR A 222 8.46 10.74 -0.25
C TYR A 222 9.58 9.92 -0.89
N ASN A 223 10.77 10.51 -0.93
CA ASN A 223 12.01 9.85 -1.39
C ASN A 223 12.62 9.16 -0.18
N PRO A 224 12.54 7.81 -0.11
CA PRO A 224 13.13 7.07 1.00
C PRO A 224 14.66 7.07 0.96
N ASN A 225 15.27 7.59 -0.10
CA ASN A 225 16.75 7.79 -0.17
C ASN A 225 17.13 9.10 0.54
N ASN A 226 16.19 10.02 0.69
CA ASN A 226 16.45 11.28 1.41
C ASN A 226 15.97 11.10 2.85
N ARG A 227 16.86 10.64 3.73
CA ARG A 227 16.56 10.33 5.16
C ARG A 227 16.60 11.58 6.08
N ARG A 228 16.52 12.80 5.53
CA ARG A 228 16.61 14.07 6.28
C ARG A 228 15.25 14.74 6.46
N ASN A 229 14.26 14.45 5.62
CA ASN A 229 12.95 15.15 5.78
C ASN A 229 12.02 14.31 6.65
N LEU A 230 11.64 13.12 6.18
CA LEU A 230 10.73 12.17 6.89
C LEU A 230 9.44 12.89 7.31
N GLN A 231 8.80 13.67 6.42
CA GLN A 231 7.47 14.28 6.71
C GLN A 231 6.48 13.12 6.88
N PRO A 232 5.92 12.88 8.10
CA PRO A 232 5.24 11.62 8.40
C PRO A 232 3.92 11.36 7.64
N ALA A 233 3.20 12.41 7.26
CA ALA A 233 1.93 12.36 6.51
C ALA A 233 2.17 11.78 5.12
N ALA A 234 3.36 12.04 4.56
CA ALA A 234 3.81 11.53 3.25
C ALA A 234 4.29 10.08 3.39
N MET A 235 4.50 9.59 4.62
CA MET A 235 5.01 8.21 4.83
C MET A 235 3.83 7.24 5.00
N ARG A 236 2.59 7.72 5.09
CA ARG A 236 1.39 6.85 5.25
C ARG A 236 1.16 6.05 3.96
N ASN A 237 1.23 4.72 4.05
CA ASN A 237 0.82 3.79 2.96
C ASN A 237 -0.71 3.73 2.99
N ARG A 238 -1.35 4.75 2.40
CA ARG A 238 -2.80 5.04 2.57
C ARG A 238 -3.64 3.87 2.09
N ALA A 239 -3.19 3.19 1.02
CA ALA A 239 -3.93 2.06 0.42
C ALA A 239 -4.19 0.98 1.48
N MET A 240 -3.31 0.85 2.47
CA MET A 240 -3.36 -0.22 3.50
C MET A 240 -3.71 0.32 4.90
N ILE A 241 -3.47 1.61 5.21
CA ILE A 241 -3.65 2.09 6.61
C ILE A 241 -4.75 3.17 6.72
N ASP A 242 -5.25 3.76 5.63
CA ASP A 242 -6.35 4.76 5.71
C ASP A 242 -7.70 4.07 5.45
N VAL A 243 -8.59 4.08 6.43
CA VAL A 243 -9.93 3.47 6.28
C VAL A 243 -10.89 4.56 5.80
N PHE A 244 -11.97 4.17 5.13
CA PHE A 244 -13.01 5.09 4.61
C PHE A 244 -14.31 4.30 4.48
N GLU A 245 -15.41 5.00 4.61
CA GLU A 245 -16.74 4.54 4.15
C GLU A 245 -16.66 4.51 2.63
N PRO A 246 -16.88 3.33 2.02
CA PRO A 246 -16.70 3.15 0.57
C PRO A 246 -17.90 3.64 -0.25
N GLY A 247 -19.03 3.89 0.41
CA GLY A 247 -20.24 4.44 -0.22
C GLY A 247 -20.64 3.59 -1.41
N SER A 248 -20.94 4.24 -2.55
CA SER A 248 -21.59 3.56 -3.63
C SER A 248 -20.79 2.47 -4.36
N THR A 249 -19.49 2.38 -4.09
CA THR A 249 -18.66 1.32 -4.66
C THR A 249 -19.02 -0.06 -4.06
N VAL A 250 -19.86 -0.16 -3.02
CA VAL A 250 -20.27 -1.51 -2.52
C VAL A 250 -21.67 -1.90 -3.02
N LYS A 251 -22.36 -1.06 -3.79
CA LYS A 251 -23.73 -1.38 -4.28
C LYS A 251 -23.74 -2.71 -5.07
N PRO A 252 -22.71 -3.05 -5.88
CA PRO A 252 -22.67 -4.35 -6.58
C PRO A 252 -22.71 -5.58 -5.65
N PHE A 253 -22.17 -5.44 -4.44
CA PHE A 253 -22.21 -6.52 -3.42
C PHE A 253 -23.62 -6.56 -2.83
N SER A 254 -24.28 -5.41 -2.69
CA SER A 254 -25.71 -5.34 -2.32
C SER A 254 -26.54 -6.07 -3.39
N MET A 255 -26.26 -5.77 -4.66
CA MET A 255 -26.95 -6.35 -5.84
C MET A 255 -26.67 -7.85 -5.91
N SER A 256 -25.44 -8.29 -5.59
CA SER A 256 -25.08 -9.73 -5.49
C SER A 256 -25.98 -10.40 -4.45
N ALA A 257 -26.19 -9.81 -3.29
CA ALA A 257 -27.07 -10.40 -2.27
C ALA A 257 -28.49 -10.48 -2.84
N ALA A 258 -28.91 -9.48 -3.60
CA ALA A 258 -30.29 -9.39 -4.13
C ALA A 258 -30.52 -10.56 -5.10
N LEU A 259 -29.58 -10.77 -6.03
CA LEU A 259 -29.66 -11.82 -7.09
C LEU A 259 -29.58 -13.22 -6.46
N ALA A 260 -28.85 -13.40 -5.36
CA ALA A 260 -28.65 -14.69 -4.66
C ALA A 260 -29.83 -14.98 -3.75
N SER A 261 -30.66 -13.97 -3.41
CA SER A 261 -31.80 -14.11 -2.45
C SER A 261 -32.92 -14.97 -3.06
N GLY A 262 -32.93 -15.10 -4.38
CA GLY A 262 -34.04 -15.72 -5.13
C GLY A 262 -35.22 -14.78 -5.34
N ARG A 263 -35.10 -13.53 -4.91
CA ARG A 263 -36.22 -12.55 -4.93
C ARG A 263 -36.06 -11.55 -6.07
N TRP A 264 -34.90 -11.46 -6.73
CA TRP A 264 -34.62 -10.41 -7.75
C TRP A 264 -33.94 -11.02 -8.98
N LYS A 265 -34.36 -10.59 -10.17
CA LYS A 265 -33.63 -10.75 -11.47
C LYS A 265 -33.29 -9.37 -12.01
N PRO A 266 -32.29 -9.29 -12.92
CA PRO A 266 -31.85 -8.01 -13.48
C PRO A 266 -32.97 -7.14 -14.08
N SER A 267 -33.97 -7.75 -14.73
CA SER A 267 -35.11 -7.05 -15.39
C SER A 267 -36.21 -6.69 -14.37
N ASP A 268 -36.09 -7.10 -13.11
CA ASP A 268 -37.06 -6.63 -12.09
C ASP A 268 -36.92 -5.12 -11.94
N ILE A 269 -37.99 -4.52 -11.45
CA ILE A 269 -38.19 -3.05 -11.43
C ILE A 269 -38.36 -2.63 -9.98
N VAL A 270 -37.84 -1.45 -9.66
CA VAL A 270 -38.10 -0.75 -8.37
C VAL A 270 -38.60 0.65 -8.74
N ASP A 271 -39.67 1.08 -8.08
CA ASP A 271 -40.16 2.48 -8.19
C ASP A 271 -39.32 3.35 -7.25
N VAL A 272 -38.52 4.25 -7.81
CA VAL A 272 -37.63 5.13 -7.01
C VAL A 272 -38.21 6.55 -6.92
N TYR A 273 -39.41 6.80 -7.45
CA TYR A 273 -40.01 8.17 -7.39
C TYR A 273 -40.34 8.45 -5.92
N PRO A 274 -40.19 9.70 -5.43
CA PRO A 274 -39.65 10.83 -6.20
C PRO A 274 -38.15 11.13 -6.02
N GLY A 275 -37.32 10.09 -5.84
CA GLY A 275 -35.86 10.29 -5.71
C GLY A 275 -35.47 10.57 -4.28
N THR A 276 -36.42 10.46 -3.35
CA THR A 276 -36.15 10.51 -1.90
C THR A 276 -37.01 9.46 -1.23
N LEU A 277 -36.74 9.14 0.03
CA LEU A 277 -37.54 8.20 0.85
C LEU A 277 -37.31 8.53 2.33
N GLN A 278 -38.36 8.89 3.06
CA GLN A 278 -38.26 9.21 4.52
C GLN A 278 -38.10 7.88 5.25
N ILE A 279 -37.13 7.79 6.15
CA ILE A 279 -36.92 6.61 7.02
C ILE A 279 -36.86 7.21 8.42
N GLY A 280 -38.01 7.70 8.89
CA GLY A 280 -38.10 8.40 10.18
C GLY A 280 -37.27 9.67 10.14
N ARG A 281 -36.24 9.73 10.98
CA ARG A 281 -35.32 10.88 11.11
C ARG A 281 -34.48 10.99 9.83
N TYR A 282 -34.08 9.83 9.29
CA TYR A 282 -33.21 9.75 8.10
C TYR A 282 -34.07 10.00 6.84
N THR A 283 -33.48 10.61 5.82
CA THR A 283 -34.08 10.77 4.47
C THR A 283 -33.05 10.30 3.43
N ILE A 284 -33.34 9.19 2.74
CA ILE A 284 -32.53 8.69 1.59
C ILE A 284 -32.77 9.63 0.42
N ARG A 285 -31.70 10.07 -0.26
CA ARG A 285 -31.73 11.02 -1.40
C ARG A 285 -30.93 10.44 -2.57
N ASP A 286 -31.52 10.43 -3.76
CA ASP A 286 -30.78 10.22 -5.03
C ASP A 286 -30.28 11.59 -5.50
N VAL A 287 -29.10 11.64 -6.09
CA VAL A 287 -28.59 12.89 -6.69
C VAL A 287 -29.45 13.25 -7.92
N SER A 288 -29.74 12.30 -8.81
CA SER A 288 -30.66 12.55 -9.94
C SER A 288 -32.04 11.98 -9.59
N ARG A 289 -33.08 12.82 -9.67
CA ARG A 289 -34.46 12.48 -9.22
C ARG A 289 -35.46 12.72 -10.35
N ASN A 290 -35.17 12.18 -11.54
CA ASN A 290 -36.04 12.20 -12.74
C ASN A 290 -36.30 10.75 -13.16
N SER A 291 -36.62 9.92 -12.18
CA SER A 291 -36.75 8.46 -12.32
C SER A 291 -38.03 8.01 -11.64
N ARG A 292 -38.69 7.01 -12.23
CA ARG A 292 -39.73 6.24 -11.53
C ARG A 292 -39.28 4.77 -11.58
N GLN A 293 -39.77 3.98 -12.53
CA GLN A 293 -39.34 2.56 -12.62
C GLN A 293 -37.90 2.52 -13.14
N LEU A 294 -37.00 1.89 -12.39
CA LEU A 294 -35.64 1.51 -12.79
C LEU A 294 -35.52 -0.02 -12.69
N ASP A 295 -34.89 -0.68 -13.67
CA ASP A 295 -34.44 -2.09 -13.49
C ASP A 295 -33.17 -2.09 -12.65
N LEU A 296 -32.67 -3.27 -12.28
CA LEU A 296 -31.54 -3.41 -11.32
C LEU A 296 -30.29 -2.79 -11.94
N THR A 297 -30.13 -2.90 -13.24
CA THR A 297 -28.99 -2.30 -13.98
C THR A 297 -29.09 -0.78 -13.87
N GLY A 298 -30.28 -0.25 -14.13
CA GLY A 298 -30.54 1.20 -14.06
C GLY A 298 -30.21 1.75 -12.70
N ILE A 299 -30.56 0.99 -11.65
CA ILE A 299 -30.32 1.37 -10.23
C ILE A 299 -28.80 1.57 -10.04
N LEU A 300 -27.95 0.76 -10.67
CA LEU A 300 -26.47 0.94 -10.62
C LEU A 300 -26.05 2.10 -11.55
N ILE A 301 -26.61 2.25 -12.75
CA ILE A 301 -26.17 3.31 -13.69
C ILE A 301 -26.44 4.68 -13.05
N LYS A 302 -27.63 4.86 -12.46
CA LYS A 302 -28.04 6.15 -11.83
C LYS A 302 -27.60 6.15 -10.36
N SER A 303 -27.01 5.07 -9.85
CA SER A 303 -26.64 4.97 -8.42
C SER A 303 -27.78 5.55 -7.57
N SER A 304 -28.97 4.97 -7.71
CA SER A 304 -30.15 5.31 -6.90
C SER A 304 -29.97 4.70 -5.50
N ASN A 305 -29.85 5.53 -4.48
CA ASN A 305 -29.87 5.07 -3.07
C ASN A 305 -31.29 4.64 -2.69
N VAL A 306 -32.30 5.24 -3.28
CA VAL A 306 -33.71 4.82 -3.02
C VAL A 306 -33.87 3.38 -3.53
N GLY A 307 -33.42 3.10 -4.75
CA GLY A 307 -33.58 1.77 -5.37
C GLY A 307 -32.83 0.70 -4.59
N ILE A 308 -31.59 0.95 -4.19
CA ILE A 308 -30.79 -0.11 -3.52
C ILE A 308 -31.35 -0.32 -2.11
N SER A 309 -31.82 0.75 -1.48
CA SER A 309 -32.43 0.72 -0.14
C SER A 309 -33.69 -0.15 -0.15
N LYS A 310 -34.56 0.03 -1.15
CA LYS A 310 -35.85 -0.74 -1.23
C LYS A 310 -35.51 -2.21 -1.42
N ILE A 311 -34.52 -2.51 -2.25
CA ILE A 311 -34.03 -3.90 -2.41
C ILE A 311 -33.48 -4.40 -1.06
N ALA A 312 -32.70 -3.59 -0.36
CA ALA A 312 -32.11 -3.94 0.95
C ALA A 312 -33.24 -4.30 1.93
N PHE A 313 -34.34 -3.53 1.93
CA PHE A 313 -35.48 -3.78 2.85
C PHE A 313 -36.11 -5.12 2.52
N ASP A 314 -36.26 -5.43 1.24
CA ASP A 314 -36.88 -6.69 0.78
C ASP A 314 -36.03 -7.91 1.16
N ILE A 315 -34.70 -7.88 0.95
CA ILE A 315 -33.84 -9.11 1.07
C ILE A 315 -33.25 -9.24 2.48
N GLY A 316 -33.22 -8.17 3.26
CA GLY A 316 -32.61 -8.14 4.61
C GLY A 316 -31.12 -7.80 4.59
N ALA A 317 -30.69 -7.01 5.57
CA ALA A 317 -29.29 -6.56 5.76
C ALA A 317 -28.35 -7.77 5.93
N GLU A 318 -28.80 -8.84 6.58
CA GLU A 318 -28.03 -10.09 6.80
C GLU A 318 -27.40 -10.59 5.49
N SER A 319 -28.14 -10.63 4.40
CA SER A 319 -27.64 -11.23 3.12
C SER A 319 -26.56 -10.30 2.54
N ILE A 320 -26.70 -9.00 2.76
CA ILE A 320 -25.76 -7.98 2.25
C ILE A 320 -24.47 -8.04 3.08
N TYR A 321 -24.61 -7.98 4.40
CA TYR A 321 -23.50 -8.17 5.38
C TYR A 321 -22.70 -9.41 4.97
N SER A 322 -23.40 -10.52 4.73
CA SER A 322 -22.78 -11.83 4.41
C SER A 322 -21.90 -11.67 3.17
N VAL A 323 -22.42 -11.07 2.11
CA VAL A 323 -21.64 -10.96 0.82
C VAL A 323 -20.38 -10.13 1.12
N MET A 324 -20.56 -9.00 1.81
CA MET A 324 -19.49 -8.02 2.09
C MET A 324 -18.39 -8.70 2.92
N GLN A 325 -18.79 -9.41 3.97
CA GLN A 325 -17.88 -10.20 4.82
C GLN A 325 -17.11 -11.22 3.97
N GLN A 326 -17.79 -11.94 3.09
CA GLN A 326 -17.18 -13.04 2.28
C GLN A 326 -16.18 -12.47 1.26
N VAL A 327 -16.38 -11.27 0.74
CA VAL A 327 -15.45 -10.70 -0.28
C VAL A 327 -14.32 -9.91 0.42
N GLY A 328 -14.41 -9.75 1.75
CA GLY A 328 -13.28 -9.31 2.61
C GLY A 328 -13.36 -7.84 3.03
N LEU A 329 -14.51 -7.18 2.86
CA LEU A 329 -14.71 -5.77 3.31
C LEU A 329 -14.68 -5.75 4.85
N GLY A 330 -13.76 -4.99 5.43
CA GLY A 330 -13.59 -4.90 6.90
C GLY A 330 -12.96 -6.16 7.46
N GLN A 331 -12.32 -6.97 6.62
CA GLN A 331 -11.76 -8.29 7.01
C GLN A 331 -10.23 -8.30 6.87
N ASP A 332 -9.54 -9.03 7.75
CA ASP A 332 -8.07 -9.25 7.71
C ASP A 332 -7.68 -9.71 6.31
N THR A 333 -6.69 -9.06 5.69
CA THR A 333 -6.21 -9.40 4.32
C THR A 333 -5.25 -10.60 4.34
N GLY A 334 -4.80 -11.04 5.51
CA GLY A 334 -3.79 -12.11 5.69
C GLY A 334 -2.37 -11.70 5.27
N LEU A 335 -2.12 -10.43 4.94
CA LEU A 335 -0.81 -9.99 4.39
C LEU A 335 0.25 -9.87 5.49
N GLY A 336 -0.16 -9.82 6.76
CA GLY A 336 0.77 -9.69 7.90
C GLY A 336 1.71 -8.51 7.74
N PHE A 337 1.19 -7.37 7.25
CA PHE A 337 1.89 -6.06 7.31
C PHE A 337 1.54 -5.43 8.65
N PRO A 338 2.49 -5.26 9.59
CA PRO A 338 2.16 -4.72 10.91
C PRO A 338 1.64 -3.29 10.75
N GLY A 339 0.54 -2.96 11.43
CA GLY A 339 -0.11 -1.64 11.37
C GLY A 339 -1.07 -1.51 10.20
N GLU A 340 -1.17 -2.53 9.37
CA GLU A 340 -2.24 -2.61 8.36
C GLU A 340 -3.58 -2.41 9.06
N ARG A 341 -4.48 -1.60 8.48
CA ARG A 341 -5.84 -1.35 9.04
C ARG A 341 -6.85 -2.34 8.43
N VAL A 342 -7.73 -2.83 9.28
CA VAL A 342 -8.75 -3.86 8.91
C VAL A 342 -10.08 -3.14 8.69
N GLY A 343 -10.24 -1.92 9.22
CA GLY A 343 -11.54 -1.23 9.23
C GLY A 343 -12.52 -2.05 10.04
N ASN A 344 -13.81 -1.90 9.79
CA ASN A 344 -14.86 -2.62 10.56
C ASN A 344 -16.08 -2.77 9.68
N LEU A 345 -16.63 -3.98 9.67
CA LEU A 345 -17.94 -4.34 9.10
C LEU A 345 -18.80 -4.87 10.25
N PRO A 346 -19.53 -3.96 10.92
CA PRO A 346 -20.26 -4.32 12.12
C PRO A 346 -21.40 -5.28 11.75
N ASN A 347 -21.39 -6.44 12.39
CA ASN A 347 -22.42 -7.48 12.28
C ASN A 347 -23.48 -7.23 13.36
N HIS A 348 -24.55 -6.54 13.01
CA HIS A 348 -25.70 -6.40 13.94
C HIS A 348 -26.55 -7.68 13.86
N ARG A 349 -27.34 -8.05 14.85
CA ARG A 349 -28.14 -9.29 14.65
C ARG A 349 -29.19 -8.97 13.59
N LYS A 350 -30.14 -8.14 14.01
CA LYS A 350 -31.16 -7.58 13.10
C LYS A 350 -30.73 -6.12 12.86
N TRP A 351 -31.06 -5.59 11.70
CA TRP A 351 -30.70 -4.20 11.37
C TRP A 351 -31.98 -3.39 11.27
N PRO A 352 -32.09 -2.23 11.94
CA PRO A 352 -33.20 -1.32 11.70
C PRO A 352 -33.16 -0.87 10.23
N LYS A 353 -34.19 -0.17 9.76
CA LYS A 353 -34.30 0.22 8.32
C LYS A 353 -33.16 1.19 7.96
N ALA A 354 -32.91 2.22 8.78
CA ALA A 354 -31.83 3.21 8.55
C ALA A 354 -30.50 2.49 8.30
N GLU A 355 -30.08 1.63 9.23
CA GLU A 355 -28.76 0.94 9.17
C GLU A 355 -28.73 -0.01 7.94
N THR A 356 -29.89 -0.58 7.54
CA THR A 356 -30.06 -1.48 6.38
C THR A 356 -29.76 -0.70 5.09
N ALA A 357 -30.33 0.49 4.95
CA ALA A 357 -30.14 1.37 3.78
C ALA A 357 -28.67 1.82 3.71
N THR A 358 -28.12 2.32 4.80
CA THR A 358 -26.77 2.92 4.78
C THR A 358 -25.75 1.82 4.49
N LEU A 359 -25.94 0.63 5.06
CA LEU A 359 -25.04 -0.50 4.71
C LEU A 359 -25.06 -0.76 3.20
N ALA A 360 -26.26 -0.85 2.61
CA ALA A 360 -26.48 -1.25 1.21
C ALA A 360 -25.82 -0.24 0.27
N TYR A 361 -25.72 1.04 0.67
CA TYR A 361 -25.01 2.07 -0.15
C TYR A 361 -23.72 2.56 0.54
N GLY A 362 -23.13 1.74 1.39
CA GLY A 362 -21.72 1.87 1.76
C GLY A 362 -21.42 2.89 2.84
N TYR A 363 -22.32 3.13 3.79
CA TYR A 363 -22.00 3.84 5.05
C TYR A 363 -22.19 2.87 6.22
N GLY A 364 -21.61 3.20 7.37
CA GLY A 364 -21.61 2.29 8.54
C GLY A 364 -20.76 1.03 8.31
N LEU A 365 -19.82 1.07 7.36
CA LEU A 365 -18.65 0.15 7.34
C LEU A 365 -17.42 0.97 6.94
N SER A 366 -16.24 0.52 7.37
CA SER A 366 -14.92 1.14 7.07
C SER A 366 -14.06 0.12 6.34
N VAL A 367 -13.46 0.48 5.23
CA VAL A 367 -12.61 -0.46 4.44
C VAL A 367 -11.32 0.26 4.04
N THR A 368 -10.36 -0.48 3.50
CA THR A 368 -9.15 0.07 2.85
C THR A 368 -9.27 -0.09 1.33
N ALA A 369 -8.51 0.71 0.56
CA ALA A 369 -8.45 0.62 -0.90
C ALA A 369 -8.08 -0.82 -1.27
N ILE A 370 -7.19 -1.46 -0.49
CA ILE A 370 -6.71 -2.84 -0.78
C ILE A 370 -7.89 -3.81 -0.59
N GLN A 371 -8.70 -3.66 0.46
CA GLN A 371 -9.87 -4.56 0.67
C GLN A 371 -10.83 -4.37 -0.51
N LEU A 372 -11.15 -3.13 -0.83
CA LEU A 372 -12.06 -2.81 -1.95
C LEU A 372 -11.58 -3.46 -3.25
N ALA A 373 -10.30 -3.32 -3.58
CA ALA A 373 -9.69 -3.87 -4.81
C ALA A 373 -9.86 -5.39 -4.78
N HIS A 374 -9.68 -5.98 -3.60
CA HIS A 374 -9.69 -7.45 -3.42
C HIS A 374 -11.11 -7.96 -3.68
N ALA A 375 -12.10 -7.20 -3.18
CA ALA A 375 -13.55 -7.49 -3.26
C ALA A 375 -13.94 -7.47 -4.72
N TYR A 376 -13.53 -6.42 -5.43
CA TYR A 376 -13.75 -6.30 -6.89
C TYR A 376 -13.03 -7.43 -7.62
N ALA A 377 -11.86 -7.85 -7.15
CA ALA A 377 -11.12 -8.97 -7.77
C ALA A 377 -11.96 -10.23 -7.69
N ALA A 378 -12.54 -10.54 -6.55
CA ALA A 378 -13.41 -11.72 -6.35
C ALA A 378 -14.61 -11.65 -7.29
N LEU A 379 -15.25 -10.49 -7.39
CA LEU A 379 -16.40 -10.28 -8.30
C LEU A 379 -15.95 -10.53 -9.75
N ALA A 380 -14.82 -9.97 -10.16
CA ALA A 380 -14.32 -10.12 -11.55
C ALA A 380 -13.92 -11.58 -11.84
N ASN A 381 -13.36 -12.28 -10.86
CA ASN A 381 -12.90 -13.70 -10.93
C ASN A 381 -14.08 -14.65 -10.70
N ASP A 382 -15.22 -14.38 -11.37
CA ASP A 382 -16.47 -15.18 -11.30
C ASP A 382 -16.78 -15.59 -9.85
N GLY A 383 -16.58 -14.68 -8.91
CA GLY A 383 -17.06 -14.84 -7.52
C GLY A 383 -16.09 -15.68 -6.71
N LYS A 384 -14.89 -15.92 -7.23
CA LYS A 384 -13.87 -16.68 -6.48
C LYS A 384 -12.80 -15.71 -5.94
N SER A 385 -12.67 -15.66 -4.63
CA SER A 385 -11.65 -14.86 -3.91
C SER A 385 -10.36 -15.67 -3.87
N VAL A 386 -9.32 -15.17 -4.53
CA VAL A 386 -7.94 -15.69 -4.44
C VAL A 386 -7.21 -14.92 -3.35
N PRO A 387 -6.49 -15.58 -2.40
CA PRO A 387 -5.74 -14.87 -1.37
C PRO A 387 -4.81 -13.78 -1.92
N LEU A 388 -4.79 -12.64 -1.25
CA LEU A 388 -3.91 -11.50 -1.62
C LEU A 388 -2.47 -11.92 -1.39
N SER A 389 -1.58 -11.36 -2.22
CA SER A 389 -0.10 -11.45 -2.11
C SER A 389 0.54 -10.12 -2.51
N MET A 390 1.58 -9.72 -1.78
CA MET A 390 2.50 -8.61 -2.16
C MET A 390 3.82 -9.19 -2.71
N THR A 391 3.94 -10.51 -2.80
CA THR A 391 5.15 -11.20 -3.34
C THR A 391 4.76 -11.99 -4.58
N ARG A 392 5.71 -12.16 -5.51
CA ARG A 392 5.47 -12.82 -6.82
C ARG A 392 4.90 -14.22 -6.55
N VAL A 393 3.78 -14.57 -7.18
CA VAL A 393 3.13 -15.89 -7.00
C VAL A 393 3.53 -16.81 -8.16
N ASP A 394 4.23 -17.89 -7.84
CA ASP A 394 4.68 -18.94 -8.81
C ASP A 394 3.53 -19.94 -8.95
N ARG A 395 3.03 -20.43 -7.82
CA ARG A 395 1.97 -21.46 -7.67
C ARG A 395 0.78 -20.78 -7.00
N VAL A 396 -0.31 -20.56 -7.72
CA VAL A 396 -1.48 -19.80 -7.23
C VAL A 396 -2.20 -20.70 -6.23
N PRO A 397 -2.46 -20.22 -4.99
CA PRO A 397 -3.18 -21.01 -4.01
C PRO A 397 -4.64 -21.08 -4.45
N ASP A 398 -5.39 -22.05 -3.93
CA ASP A 398 -6.84 -22.22 -4.21
C ASP A 398 -7.59 -20.97 -3.74
N GLY A 399 -8.50 -20.47 -4.56
CA GLY A 399 -9.45 -19.42 -4.16
C GLY A 399 -10.67 -20.00 -3.47
N VAL A 400 -11.49 -19.13 -2.89
CA VAL A 400 -12.73 -19.52 -2.15
C VAL A 400 -13.90 -18.91 -2.93
N GLN A 401 -14.84 -19.74 -3.36
CA GLN A 401 -16.09 -19.30 -4.04
C GLN A 401 -16.97 -18.57 -3.01
N VAL A 402 -17.01 -17.25 -3.10
CA VAL A 402 -17.66 -16.34 -2.12
C VAL A 402 -18.95 -15.77 -2.73
N ILE A 403 -19.03 -15.65 -4.05
CA ILE A 403 -20.30 -15.35 -4.76
C ILE A 403 -20.47 -16.45 -5.81
N SER A 404 -21.71 -16.87 -6.10
CA SER A 404 -21.97 -17.95 -7.07
C SER A 404 -21.56 -17.44 -8.45
N PRO A 405 -20.93 -18.26 -9.32
CA PRO A 405 -20.48 -17.80 -10.63
C PRO A 405 -21.53 -17.13 -11.54
N GLU A 406 -22.75 -17.64 -11.57
CA GLU A 406 -23.90 -17.04 -12.31
C GLU A 406 -24.15 -15.62 -11.79
N VAL A 407 -24.17 -15.41 -10.47
CA VAL A 407 -24.51 -14.09 -9.88
C VAL A 407 -23.39 -13.10 -10.19
N ALA A 408 -22.15 -13.53 -10.03
CA ALA A 408 -20.95 -12.69 -10.25
C ALA A 408 -20.92 -12.33 -11.74
N SER A 409 -21.19 -13.29 -12.59
CA SER A 409 -21.24 -13.09 -14.06
C SER A 409 -22.29 -12.03 -14.37
N THR A 410 -23.44 -12.08 -13.71
CA THR A 410 -24.59 -11.19 -14.02
C THR A 410 -24.24 -9.76 -13.59
N VAL A 411 -23.67 -9.63 -12.39
CA VAL A 411 -23.26 -8.32 -11.78
C VAL A 411 -22.10 -7.72 -12.58
N GLN A 412 -21.17 -8.54 -13.04
CA GLN A 412 -20.09 -8.11 -13.97
C GLN A 412 -20.72 -7.36 -15.14
N GLY A 413 -21.72 -7.99 -15.78
CA GLY A 413 -22.44 -7.47 -16.97
C GLY A 413 -23.11 -6.15 -16.64
N MET A 414 -23.65 -6.02 -15.43
CA MET A 414 -24.35 -4.79 -14.98
C MET A 414 -23.33 -3.65 -14.89
N LEU A 415 -22.16 -3.94 -14.31
CA LEU A 415 -21.05 -2.97 -14.13
C LEU A 415 -20.46 -2.58 -15.49
N GLN A 416 -20.46 -3.49 -16.46
CA GLN A 416 -20.07 -3.12 -17.85
C GLN A 416 -21.06 -2.08 -18.37
N GLN A 417 -22.36 -2.29 -18.14
CA GLN A 417 -23.43 -1.31 -18.50
C GLN A 417 -23.24 -0.01 -17.71
N VAL A 418 -22.80 -0.05 -16.44
CA VAL A 418 -22.56 1.19 -15.66
C VAL A 418 -21.58 2.08 -16.42
N VAL A 419 -20.60 1.47 -17.11
CA VAL A 419 -19.53 2.18 -17.85
C VAL A 419 -19.97 2.52 -19.30
N GLU A 420 -20.68 1.62 -20.00
CA GLU A 420 -20.91 1.70 -21.47
C GLU A 420 -22.29 2.32 -21.80
N ALA A 421 -23.26 2.29 -20.86
CA ALA A 421 -24.67 2.64 -21.15
C ALA A 421 -24.81 4.15 -21.18
N GLN A 422 -25.82 4.60 -21.95
CA GLN A 422 -26.45 5.96 -21.92
C GLN A 422 -26.59 6.41 -20.46
N GLY A 423 -25.90 7.50 -20.08
CA GLY A 423 -25.98 8.12 -18.74
C GLY A 423 -25.06 7.47 -17.73
N GLY A 424 -24.20 6.52 -18.15
CA GLY A 424 -23.24 5.80 -17.29
C GLY A 424 -21.96 6.59 -17.11
N VAL A 425 -20.92 5.95 -16.56
CA VAL A 425 -19.62 6.57 -16.18
C VAL A 425 -18.71 6.53 -17.41
N PHE A 426 -19.04 7.30 -18.46
CA PHE A 426 -18.38 7.21 -19.79
C PHE A 426 -16.88 7.51 -19.63
N ARG A 427 -16.49 8.22 -18.57
CA ARG A 427 -15.08 8.63 -18.40
C ARG A 427 -14.21 7.44 -17.99
N ALA A 428 -14.82 6.29 -17.64
CA ALA A 428 -14.11 5.04 -17.23
C ALA A 428 -13.92 4.12 -18.42
N GLN A 429 -14.54 4.46 -19.54
CA GLN A 429 -14.34 3.73 -20.82
C GLN A 429 -12.85 3.59 -21.09
N VAL A 430 -12.45 2.43 -21.61
CA VAL A 430 -11.03 2.11 -21.93
C VAL A 430 -10.98 1.74 -23.41
N PRO A 431 -10.72 2.72 -24.30
CA PRO A 431 -10.73 2.48 -25.74
C PRO A 431 -10.02 1.20 -26.19
N GLY A 432 -10.74 0.35 -26.94
CA GLY A 432 -10.28 -0.98 -27.37
C GLY A 432 -10.74 -2.10 -26.48
N TYR A 433 -11.23 -1.83 -25.27
CA TYR A 433 -11.59 -2.88 -24.28
C TYR A 433 -12.98 -2.63 -23.72
N HIS A 434 -13.63 -3.68 -23.23
CA HIS A 434 -14.82 -3.60 -22.36
C HIS A 434 -14.29 -3.48 -20.92
N ALA A 435 -14.58 -2.37 -20.27
CA ALA A 435 -14.29 -2.13 -18.84
C ALA A 435 -15.60 -2.15 -18.05
N ALA A 436 -15.52 -2.45 -16.75
CA ALA A 436 -16.68 -2.54 -15.84
C ALA A 436 -16.29 -1.87 -14.53
N GLY A 437 -17.22 -1.17 -13.90
CA GLY A 437 -16.96 -0.63 -12.56
C GLY A 437 -18.12 0.18 -12.04
N LYS A 438 -17.88 0.84 -10.93
CA LYS A 438 -18.89 1.61 -10.19
C LYS A 438 -18.18 2.82 -9.62
N SER A 439 -18.79 4.01 -9.71
CA SER A 439 -18.29 5.26 -9.09
C SER A 439 -18.82 5.33 -7.65
N GLY A 440 -18.15 6.13 -6.83
CA GLY A 440 -18.65 6.58 -5.53
C GLY A 440 -18.21 8.01 -5.25
N THR A 441 -18.99 8.68 -4.43
CA THR A 441 -18.70 10.01 -3.86
C THR A 441 -19.18 9.95 -2.42
N ALA A 442 -18.27 9.99 -1.46
CA ALA A 442 -18.57 9.76 -0.02
C ALA A 442 -18.34 11.06 0.75
N ARG A 443 -19.29 11.46 1.60
CA ARG A 443 -19.05 12.53 2.61
C ARG A 443 -18.12 11.93 3.68
N LYS A 444 -17.23 12.74 4.25
CA LYS A 444 -16.24 12.28 5.26
C LYS A 444 -16.78 12.49 6.69
N ASN A 455 -17.64 21.53 2.75
CA ASN A 455 -18.03 20.09 2.78
C ASN A 455 -16.99 19.24 2.05
N ALA A 456 -16.63 18.12 2.67
CA ALA A 456 -15.45 17.28 2.37
C ALA A 456 -15.89 15.96 1.71
N TYR A 457 -15.29 15.63 0.57
CA TYR A 457 -15.65 14.46 -0.28
C TYR A 457 -14.44 13.56 -0.51
N ARG A 458 -14.73 12.27 -0.62
CA ARG A 458 -13.84 11.21 -1.16
C ARG A 458 -14.41 10.81 -2.52
N SER A 459 -13.61 10.91 -3.59
CA SER A 459 -13.93 10.46 -4.96
C SER A 459 -13.39 9.06 -5.19
N LEU A 460 -14.26 8.12 -5.57
CA LEU A 460 -13.97 6.69 -5.74
C LEU A 460 -14.36 6.24 -7.14
N PHE A 461 -13.54 5.38 -7.69
CA PHE A 461 -13.95 4.47 -8.76
C PHE A 461 -13.23 3.14 -8.54
N ALA A 462 -13.97 2.06 -8.79
CA ALA A 462 -13.52 0.67 -8.60
C ALA A 462 -14.08 -0.11 -9.76
N GLY A 463 -13.27 -0.97 -10.36
CA GLY A 463 -13.71 -1.72 -11.54
C GLY A 463 -12.64 -2.68 -11.99
N PHE A 464 -12.84 -3.25 -13.18
CA PHE A 464 -11.97 -4.32 -13.74
C PHE A 464 -12.15 -4.38 -15.25
N ALA A 465 -11.21 -5.05 -15.88
CA ALA A 465 -11.14 -5.20 -17.34
C ALA A 465 -10.18 -6.34 -17.69
N PRO A 466 -10.32 -6.98 -18.87
CA PRO A 466 -11.43 -6.76 -19.77
C PRO A 466 -12.66 -7.52 -19.23
N ALA A 467 -13.87 -6.97 -19.42
CA ALA A 467 -15.15 -7.59 -18.99
C ALA A 467 -15.31 -8.99 -19.58
N THR A 468 -14.80 -9.24 -20.79
CA THR A 468 -14.95 -10.53 -21.53
C THR A 468 -14.24 -11.68 -20.79
N ASP A 469 -13.07 -11.40 -20.22
CA ASP A 469 -12.27 -12.36 -19.43
C ASP A 469 -11.38 -11.52 -18.50
N PRO A 470 -11.90 -11.10 -17.33
CA PRO A 470 -11.27 -10.07 -16.51
C PRO A 470 -9.85 -10.46 -16.03
N ARG A 471 -8.92 -9.51 -16.03
CA ARG A 471 -7.49 -9.76 -15.69
C ARG A 471 -7.09 -8.90 -14.50
N ILE A 472 -7.59 -7.66 -14.46
CA ILE A 472 -7.13 -6.55 -13.60
C ILE A 472 -8.34 -5.97 -12.86
N ALA A 473 -8.27 -5.87 -11.53
CA ALA A 473 -9.15 -5.00 -10.72
C ALA A 473 -8.36 -3.77 -10.27
N MET A 474 -9.01 -2.63 -10.24
CA MET A 474 -8.33 -1.36 -9.91
C MET A 474 -9.25 -0.54 -9.01
N VAL A 475 -8.67 0.15 -8.02
CA VAL A 475 -9.39 1.14 -7.18
C VAL A 475 -8.63 2.46 -7.22
N VAL A 476 -9.37 3.56 -7.41
CA VAL A 476 -8.86 4.96 -7.37
C VAL A 476 -9.64 5.69 -6.28
N VAL A 477 -8.93 6.19 -5.27
CA VAL A 477 -9.49 6.98 -4.15
C VAL A 477 -8.76 8.32 -4.18
N ILE A 478 -9.49 9.43 -4.32
CA ILE A 478 -8.88 10.79 -4.30
C ILE A 478 -9.56 11.59 -3.21
N ASP A 479 -8.78 12.02 -2.23
CA ASP A 479 -9.23 12.66 -0.97
C ASP A 479 -9.34 14.18 -1.21
N GLU A 480 -10.53 14.75 -0.99
CA GLU A 480 -10.82 16.21 -0.92
C GLU A 480 -10.35 16.91 -2.20
N PRO A 481 -10.88 16.56 -3.39
CA PRO A 481 -10.65 17.35 -4.59
C PRO A 481 -11.28 18.72 -4.34
N SER A 482 -10.67 19.80 -4.84
CA SER A 482 -11.05 21.21 -4.54
C SER A 482 -11.23 22.06 -5.80
N LYS A 483 -10.72 21.65 -6.96
CA LYS A 483 -10.55 22.55 -8.14
C LYS A 483 -11.72 22.41 -9.12
N ALA A 484 -12.20 21.20 -9.40
CA ALA A 484 -13.03 20.92 -10.59
C ALA A 484 -14.11 19.87 -10.30
N GLY A 485 -14.87 20.06 -9.22
CA GLY A 485 -15.89 19.08 -8.80
C GLY A 485 -15.26 17.88 -8.12
N TYR A 486 -16.09 16.91 -7.73
CA TYR A 486 -15.72 15.91 -6.72
C TYR A 486 -16.43 14.57 -6.95
N PHE A 487 -17.32 14.46 -7.94
CA PHE A 487 -17.98 13.18 -8.28
C PHE A 487 -16.92 12.14 -8.67
N GLY A 488 -17.00 10.93 -8.10
CA GLY A 488 -16.15 9.82 -8.53
C GLY A 488 -16.13 9.69 -10.05
N GLY A 489 -17.30 9.81 -10.68
CA GLY A 489 -17.48 9.60 -12.11
C GLY A 489 -16.69 10.58 -12.93
N LEU A 490 -16.31 11.74 -12.36
CA LEU A 490 -15.48 12.70 -13.14
C LEU A 490 -14.07 12.88 -12.55
N VAL A 491 -13.85 12.64 -11.27
CA VAL A 491 -12.48 12.81 -10.67
C VAL A 491 -11.65 11.51 -10.78
N SER A 492 -12.24 10.34 -10.53
CA SER A 492 -11.48 9.08 -10.34
C SER A 492 -11.58 8.19 -11.58
N ALA A 493 -12.74 8.22 -12.24
CA ALA A 493 -13.01 7.43 -13.46
C ALA A 493 -11.95 7.73 -14.50
N PRO A 494 -11.57 9.00 -14.77
CA PRO A 494 -10.57 9.26 -15.82
C PRO A 494 -9.22 8.60 -15.50
N VAL A 495 -8.87 8.50 -14.21
CA VAL A 495 -7.60 7.88 -13.75
C VAL A 495 -7.67 6.38 -13.99
N PHE A 496 -8.74 5.73 -13.56
CA PHE A 496 -9.00 4.30 -13.85
C PHE A 496 -8.82 4.07 -15.35
N SER A 497 -9.51 4.85 -16.20
CA SER A 497 -9.36 4.79 -17.68
C SER A 497 -7.90 4.81 -18.09
N LYS A 498 -7.14 5.83 -17.68
CA LYS A 498 -5.77 6.05 -18.20
C LYS A 498 -4.83 4.94 -17.68
N VAL A 499 -4.95 4.56 -16.42
CA VAL A 499 -4.08 3.51 -15.84
C VAL A 499 -4.45 2.13 -16.43
N MET A 500 -5.73 1.85 -16.64
CA MET A 500 -6.21 0.56 -17.21
C MET A 500 -5.82 0.46 -18.69
N ALA A 501 -5.88 1.57 -19.45
CA ALA A 501 -5.43 1.68 -20.86
C ALA A 501 -3.99 1.16 -20.97
N GLY A 502 -3.10 1.62 -20.08
CA GLY A 502 -1.67 1.27 -20.12
C GLY A 502 -1.38 -0.08 -19.50
N ALA A 503 -1.96 -0.39 -18.33
CA ALA A 503 -1.68 -1.65 -17.61
C ALA A 503 -2.06 -2.84 -18.49
N LEU A 504 -3.23 -2.81 -19.12
CA LEU A 504 -3.69 -3.94 -19.97
C LEU A 504 -2.67 -4.15 -21.09
N ARG A 505 -2.21 -3.07 -21.70
CA ARG A 505 -1.32 -3.17 -22.89
C ARG A 505 0.06 -3.63 -22.41
N LEU A 506 0.54 -3.18 -21.24
CA LEU A 506 1.85 -3.60 -20.66
C LEU A 506 1.84 -5.11 -20.37
N MET A 507 0.67 -5.68 -20.10
CA MET A 507 0.50 -7.13 -19.74
C MET A 507 0.12 -7.91 -20.99
N ASN A 508 0.05 -7.23 -22.14
CA ASN A 508 -0.25 -7.78 -23.49
C ASN A 508 -1.62 -8.45 -23.46
N VAL A 509 -2.58 -7.87 -22.74
CA VAL A 509 -3.96 -8.37 -22.71
C VAL A 509 -4.57 -7.94 -24.03
N PRO A 510 -5.13 -8.88 -24.81
CA PRO A 510 -5.63 -8.54 -26.14
C PRO A 510 -6.93 -7.74 -26.02
N PRO A 511 -7.09 -6.63 -26.77
CA PRO A 511 -8.33 -5.86 -26.76
C PRO A 511 -9.50 -6.80 -27.03
N ASP A 512 -10.55 -6.70 -26.21
CA ASP A 512 -11.77 -7.53 -26.31
C ASP A 512 -12.93 -6.75 -26.94
N ASN A 513 -12.77 -5.47 -27.31
CA ASN A 513 -13.90 -4.74 -27.97
C ASN A 513 -13.89 -5.07 -29.47
N LEU A 514 -14.33 -6.29 -29.78
CA LEU A 514 -14.30 -6.98 -31.10
C LEU A 514 -15.73 -7.25 -31.56
N PRO A 515 -15.91 -7.59 -32.86
CA PRO A 515 -17.19 -8.12 -33.35
C PRO A 515 -17.56 -9.43 -32.63
#